data_3R7P
#
_entry.id   3R7P
#
_cell.length_a   113.089
_cell.length_b   42.595
_cell.length_c   103.195
_cell.angle_alpha   90.00
_cell.angle_beta   110.63
_cell.angle_gamma   90.00
#
_symmetry.space_group_name_H-M   'C 1 2 1'
#
loop_
_entity.id
_entity.type
_entity.pdbx_description
1 polymer 'Ribosomal protein 3/homing endonuclease-like fusion protein'
2 polymer "DNA (5'-D(*GP*GP*TP*CP*TP*AP*AP*AP*CP*GP*TP*CP*GP*TP*AP*T)-3')"
3 polymer "DNA (5'-D(P*AP*GP*GP*AP*GP*CP*AP*TP*TP*TP*G)-3')"
4 polymer "DNA (5'-D(*CP*AP*AP*AP*TP*GP*CP*TP*CP*CP*TP*AP*TP*AP*C)-3')"
5 polymer "DNA (5'-D(P*GP*AP*CP*GP*TP*TP*TP*AP*GP*AP*CP*C)-3')"
6 non-polymer 'MANGANESE (II) ION'
7 non-polymer 'MAGNESIUM ION'
8 water water
#
loop_
_entity_poly.entity_id
_entity_poly.type
_entity_poly.pdbx_seq_one_letter_code
_entity_poly.pdbx_strand_id
1 'polypeptide(L)'
;SYSTLANFPVQARNDNISPWTITGFADAESSFMLTVSKDSKRNTGWSVRPRFRIGLHNKDVTILKSIREYLGAGIITSDI
DARIRFESLKELEVVINHFDKYPLITQKRADYLLFKKAFYLIKNKEHLTEEGLNQILTLKASLNLGLSEELKEAFPNTIP
AERLLVTGQEIPDSNWVAGFTAGEGSFYIRIAKNSTLKTGYQVQSVFQITQDTRDIELMKNLISYLNCGNIRIRKYKGSE
GIHDTCVDLVVTNLNDIKEKIIPFFNKNHIIGVKLQDYRDWCKVVTLIDNKEHLTSEGLEKIQKIKEGMNRGRSL
;
A
2 'polydeoxyribonucleotide' (DG)(DG)(DT)(DC)(DT)(DA)(DA)(DA)(DC)(DG)(DT)(DC)(DG)(DT)(DA)(DT) B
3 'polydeoxyribonucleotide' (DA)(DG)(DG)(DA)(DG)(DC)(DA)(DT)(DT)(DT)(DG) C
4 'polydeoxyribonucleotide' (DC)(DA)(DA)(DA)(DT)(DG)(DC)(DT)(DC)(DC)(DT)(DA)(DT)(DA)(DC) D
5 'polydeoxyribonucleotide' (DG)(DA)(DC)(DG)(DT)(DT)(DT)(DA)(DG)(DA)(DC)(DC) E
#
# COMPACT_ATOMS: atom_id res chain seq x y z
N ASP A 15 4.51 19.04 -9.86
CA ASP A 15 4.60 17.91 -10.84
C ASP A 15 3.60 16.80 -10.51
N ASN A 16 2.64 16.62 -11.41
CA ASN A 16 1.51 15.70 -11.22
C ASN A 16 1.91 14.23 -11.14
N ILE A 17 1.10 13.48 -10.40
CA ILE A 17 1.25 12.06 -10.17
C ILE A 17 0.63 11.26 -11.34
N SER A 18 0.95 9.98 -11.44
CA SER A 18 0.39 9.12 -12.48
C SER A 18 -0.76 8.30 -11.91
N PRO A 19 -1.83 8.11 -12.71
CA PRO A 19 -2.97 7.35 -12.17
C PRO A 19 -2.56 5.98 -11.65
N TRP A 20 -1.53 5.40 -12.27
CA TRP A 20 -1.08 4.07 -11.91
C TRP A 20 -0.33 4.00 -10.60
N THR A 21 0.42 5.04 -10.28
CA THR A 21 1.08 5.06 -8.98
C THR A 21 0.00 5.23 -7.91
N ILE A 22 -1.05 6.00 -8.23
CA ILE A 22 -2.20 6.14 -7.33
C ILE A 22 -2.78 4.78 -6.94
N THR A 23 -3.16 3.94 -7.92
CA THR A 23 -3.75 2.63 -7.55
C THR A 23 -2.71 1.69 -6.97
N GLY A 24 -1.48 1.79 -7.45
CA GLY A 24 -0.37 1.07 -6.84
C GLY A 24 -0.29 1.38 -5.36
N PHE A 25 -0.21 2.67 -5.04
CA PHE A 25 -0.18 3.12 -3.65
C PHE A 25 -1.47 2.71 -2.92
N ALA A 26 -2.59 2.72 -3.63
CA ALA A 26 -3.85 2.35 -3.01
C ALA A 26 -3.94 0.83 -2.71
N ASP A 27 -3.39 0.00 -3.61
CA ASP A 27 -3.24 -1.44 -3.32
C ASP A 27 -2.47 -1.66 -2.02
N ALA A 28 -1.52 -0.77 -1.74
CA ALA A 28 -0.68 -0.89 -0.58
C ALA A 28 -1.34 -0.36 0.69
N GLU A 29 -1.94 0.83 0.60
CA GLU A 29 -2.23 1.61 1.79
C GLU A 29 -3.70 1.95 2.04
N SER A 30 -4.53 1.82 1.01
CA SER A 30 -5.91 2.34 1.08
C SER A 30 -6.89 1.39 1.78
N SER A 31 -8.03 1.92 2.18
CA SER A 31 -9.09 1.12 2.78
C SER A 31 -10.43 1.44 2.12
N PHE A 32 -11.19 0.39 1.81
CA PHE A 32 -12.58 0.52 1.41
C PHE A 32 -13.42 0.01 2.58
N MET A 33 -14.36 0.82 3.04
CA MET A 33 -15.10 0.51 4.25
C MET A 33 -16.62 0.70 4.17
N LEU A 34 -17.33 -0.05 5.03
CA LEU A 34 -18.76 0.06 5.24
C LEU A 34 -19.01 0.14 6.74
N THR A 35 -19.75 1.15 7.17
CA THR A 35 -20.11 1.28 8.58
C THR A 35 -21.58 1.09 8.71
N VAL A 36 -21.95 0.12 9.55
CA VAL A 36 -23.33 -0.19 9.85
C VAL A 36 -23.52 0.09 11.34
N SER A 37 -24.28 1.13 11.64
CA SER A 37 -24.51 1.55 13.02
C SER A 37 -25.99 1.70 13.38
N LYS A 38 -26.32 1.32 14.60
CA LYS A 38 -27.67 1.47 15.10
C LYS A 38 -28.08 2.94 15.10
N ASP A 39 -29.30 3.19 14.62
CA ASP A 39 -29.87 4.53 14.56
C ASP A 39 -31.39 4.44 14.47
N SER A 40 -32.06 4.53 15.62
CA SER A 40 -33.53 4.39 15.69
C SER A 40 -34.29 5.51 14.99
N LYS A 41 -33.57 6.59 14.64
CA LYS A 41 -34.12 7.64 13.80
C LYS A 41 -34.44 7.17 12.38
N ARG A 42 -33.67 6.21 11.86
CA ARG A 42 -33.92 5.63 10.53
C ARG A 42 -35.04 4.61 10.59
N ASN A 43 -35.65 4.30 9.44
CA ASN A 43 -36.79 3.38 9.39
C ASN A 43 -36.44 1.90 9.56
N THR A 44 -35.21 1.55 9.24
CA THR A 44 -34.72 0.19 9.48
C THR A 44 -34.15 0.11 10.90
N GLY A 45 -33.86 1.26 11.47
CA GLY A 45 -33.21 1.35 12.79
C GLY A 45 -31.71 1.28 12.65
N TRP A 46 -31.22 1.40 11.42
CA TRP A 46 -29.82 1.21 11.10
C TRP A 46 -29.30 2.24 10.12
N SER A 47 -28.10 2.70 10.36
CA SER A 47 -27.43 3.62 9.45
C SER A 47 -26.39 2.85 8.65
N VAL A 48 -26.40 3.04 7.34
CA VAL A 48 -25.49 2.33 6.44
C VAL A 48 -24.78 3.33 5.54
N ARG A 49 -23.45 3.34 5.58
CA ARG A 49 -22.67 4.26 4.74
C ARG A 49 -21.35 3.63 4.28
N PRO A 50 -20.90 4.00 3.08
CA PRO A 50 -19.61 3.54 2.60
C PRO A 50 -18.54 4.63 2.71
N ARG A 51 -17.27 4.23 2.75
CA ARG A 51 -16.17 5.18 2.85
C ARG A 51 -14.96 4.63 2.12
N PHE A 52 -14.13 5.53 1.64
CA PHE A 52 -12.81 5.16 1.14
C PHE A 52 -11.79 6.13 1.69
N ARG A 53 -10.69 5.60 2.19
CA ARG A 53 -9.74 6.41 2.94
C ARG A 53 -8.33 5.90 2.76
N ILE A 54 -7.40 6.85 2.86
CA ILE A 54 -5.99 6.55 3.10
C ILE A 54 -5.55 7.42 4.30
N GLY A 55 -5.03 6.78 5.34
CA GLY A 55 -4.43 7.48 6.47
C GLY A 55 -2.98 7.08 6.64
N LEU A 56 -2.12 8.05 6.98
CA LEU A 56 -0.68 7.83 7.13
C LEU A 56 -0.02 8.87 8.06
N HIS A 57 1.29 8.75 8.26
CA HIS A 57 2.00 9.66 9.14
C HIS A 57 1.87 11.10 8.65
N ASN A 58 1.62 12.02 9.57
CA ASN A 58 1.59 13.43 9.23
C ASN A 58 2.67 13.81 8.23
N LYS A 59 3.83 13.16 8.32
CA LYS A 59 4.97 13.47 7.46
C LYS A 59 4.63 13.40 5.97
N ASP A 60 3.61 12.64 5.61
CA ASP A 60 3.26 12.47 4.20
C ASP A 60 1.91 13.04 3.79
N VAL A 61 1.46 14.05 4.52
CA VAL A 61 0.37 14.94 4.09
C VAL A 61 0.45 15.25 2.60
N THR A 62 1.65 15.45 2.09
CA THR A 62 1.78 15.92 0.72
C THR A 62 1.52 14.85 -0.36
N ILE A 63 1.67 13.59 0.01
CA ILE A 63 1.20 12.49 -0.84
C ILE A 63 -0.32 12.58 -1.08
N LEU A 64 -1.07 12.79 0.00
CA LEU A 64 -2.52 12.95 -0.04
C LEU A 64 -2.91 14.18 -0.85
N LYS A 65 -2.14 15.25 -0.69
CA LYS A 65 -2.37 16.49 -1.42
C LYS A 65 -2.22 16.30 -2.92
N SER A 66 -1.26 15.47 -3.33
CA SER A 66 -1.07 15.19 -4.75
C SER A 66 -2.14 14.25 -5.30
N ILE A 67 -2.70 13.40 -4.45
CA ILE A 67 -3.85 12.57 -4.83
C ILE A 67 -5.13 13.42 -4.93
N ARG A 68 -5.28 14.37 -4.01
CA ARG A 68 -6.43 15.28 -4.03
C ARG A 68 -6.40 16.20 -5.26
N GLU A 69 -5.23 16.72 -5.59
CA GLU A 69 -5.04 17.52 -6.82
C GLU A 69 -5.43 16.70 -8.06
N TYR A 70 -5.04 15.43 -8.08
CA TYR A 70 -5.32 14.56 -9.23
C TYR A 70 -6.81 14.29 -9.42
N LEU A 71 -7.48 13.83 -8.38
CA LEU A 71 -8.87 13.40 -8.49
C LEU A 71 -9.83 14.57 -8.42
N GLY A 72 -9.41 15.65 -7.77
CA GLY A 72 -10.29 16.80 -7.53
C GLY A 72 -11.42 16.45 -6.59
N ALA A 73 -11.14 15.53 -5.68
CA ALA A 73 -12.12 15.06 -4.73
C ALA A 73 -11.37 14.60 -3.49
N GLY A 74 -12.02 14.70 -2.33
CA GLY A 74 -11.49 14.15 -1.08
C GLY A 74 -11.21 15.20 -0.03
N ILE A 75 -11.47 14.84 1.22
CA ILE A 75 -11.26 15.75 2.33
C ILE A 75 -9.98 15.32 3.06
N ILE A 76 -9.06 16.26 3.26
CA ILE A 76 -7.82 15.96 3.94
C ILE A 76 -7.82 16.50 5.36
N THR A 77 -7.45 15.65 6.32
CA THR A 77 -7.30 16.10 7.71
C THR A 77 -5.90 15.78 8.23
N SER A 78 -5.49 16.50 9.26
CA SER A 78 -4.21 16.29 9.90
C SER A 78 -4.29 16.57 11.40
N ASP A 79 -4.33 15.50 12.18
CA ASP A 79 -4.25 15.61 13.63
C ASP A 79 -3.13 14.72 14.16
N ILE A 80 -3.47 13.61 14.80
CA ILE A 80 -2.43 12.67 15.22
C ILE A 80 -1.86 11.93 14.00
N ASP A 81 -2.68 11.81 12.96
CA ASP A 81 -2.25 11.30 11.68
C ASP A 81 -2.86 12.17 10.60
N ALA A 82 -2.51 11.86 9.35
CA ALA A 82 -3.03 12.59 8.20
C ALA A 82 -3.87 11.67 7.31
N ARG A 83 -5.07 12.13 6.95
CA ARG A 83 -6.01 11.34 6.17
C ARG A 83 -6.57 12.11 4.97
N ILE A 84 -6.98 11.35 3.96
CA ILE A 84 -7.83 11.84 2.88
C ILE A 84 -9.01 10.87 2.81
N ARG A 85 -10.22 11.41 2.89
CA ARG A 85 -11.40 10.56 2.92
C ARG A 85 -12.37 10.94 1.82
N PHE A 86 -13.14 9.95 1.40
CA PHE A 86 -14.23 10.12 0.45
C PHE A 86 -15.46 9.47 1.07
N GLU A 87 -16.43 10.27 1.45
CA GLU A 87 -17.60 9.73 2.14
C GLU A 87 -18.93 10.08 1.49
N SER A 88 -18.99 11.19 0.73
CA SER A 88 -20.20 11.52 0.01
C SER A 88 -20.28 10.74 -1.29
N LEU A 89 -21.50 10.61 -1.81
CA LEU A 89 -21.75 9.98 -3.10
C LEU A 89 -21.02 10.64 -4.26
N LYS A 90 -20.97 11.97 -4.24
CA LYS A 90 -20.32 12.75 -5.28
C LYS A 90 -18.84 12.37 -5.37
N GLU A 91 -18.23 12.24 -4.20
CA GLU A 91 -16.80 11.96 -4.10
C GLU A 91 -16.48 10.49 -4.36
N LEU A 92 -17.38 9.61 -3.99
CA LEU A 92 -17.15 8.19 -4.22
C LEU A 92 -17.31 7.82 -5.69
N GLU A 93 -18.20 8.52 -6.39
CA GLU A 93 -18.31 8.38 -7.85
C GLU A 93 -16.95 8.61 -8.51
N VAL A 94 -16.23 9.60 -8.01
CA VAL A 94 -14.92 9.94 -8.55
C VAL A 94 -13.95 8.78 -8.28
N VAL A 95 -14.03 8.23 -7.07
CA VAL A 95 -13.17 7.12 -6.67
C VAL A 95 -13.44 5.87 -7.49
N ILE A 96 -14.70 5.60 -7.77
CA ILE A 96 -15.06 4.41 -8.51
C ILE A 96 -14.78 4.59 -10.00
N ASN A 97 -15.01 5.79 -10.53
CA ASN A 97 -14.55 6.10 -11.86
C ASN A 97 -13.04 5.83 -11.99
N HIS A 98 -12.30 6.05 -10.91
CA HIS A 98 -10.87 5.85 -11.00
C HIS A 98 -10.47 4.39 -11.09
N PHE A 99 -10.96 3.59 -10.15
CA PHE A 99 -10.57 2.19 -10.05
C PHE A 99 -11.24 1.27 -11.05
N ASP A 100 -12.37 1.66 -11.63
CA ASP A 100 -12.87 0.90 -12.78
C ASP A 100 -11.90 1.03 -13.95
N LYS A 101 -11.33 2.22 -14.12
CA LYS A 101 -10.45 2.54 -15.26
C LYS A 101 -9.00 2.09 -15.02
N TYR A 102 -8.61 1.99 -13.75
CA TYR A 102 -7.25 1.62 -13.34
C TYR A 102 -7.29 0.63 -12.15
N PRO A 103 -7.75 -0.62 -12.40
CA PRO A 103 -8.05 -1.61 -11.36
C PRO A 103 -6.94 -1.93 -10.35
N LEU A 104 -7.33 -2.33 -9.15
CA LEU A 104 -6.40 -2.83 -8.15
C LEU A 104 -6.03 -4.27 -8.54
N ILE A 105 -4.89 -4.77 -8.04
CA ILE A 105 -4.46 -6.14 -8.36
C ILE A 105 -4.11 -7.03 -7.16
N THR A 106 -4.08 -6.46 -5.96
CA THR A 106 -3.95 -7.29 -4.76
C THR A 106 -5.30 -7.90 -4.42
N GLN A 107 -5.39 -8.59 -3.29
CA GLN A 107 -6.68 -9.07 -2.82
C GLN A 107 -7.62 -7.92 -2.41
N LYS A 108 -7.10 -6.69 -2.41
CA LYS A 108 -7.92 -5.52 -2.18
C LYS A 108 -8.99 -5.38 -3.28
N ARG A 109 -8.64 -5.85 -4.49
CA ARG A 109 -9.56 -5.91 -5.63
C ARG A 109 -10.90 -6.48 -5.19
N ALA A 110 -10.84 -7.61 -4.46
CA ALA A 110 -12.02 -8.28 -3.92
C ALA A 110 -12.79 -7.40 -2.95
N ASP A 111 -12.06 -6.70 -2.09
CA ASP A 111 -12.67 -5.78 -1.15
C ASP A 111 -13.38 -4.72 -1.98
N TYR A 112 -12.68 -4.18 -2.97
CA TYR A 112 -13.27 -3.17 -3.83
C TYR A 112 -14.57 -3.65 -4.50
N LEU A 113 -14.53 -4.83 -5.13
CA LEU A 113 -15.74 -5.36 -5.77
C LEU A 113 -16.95 -5.50 -4.83
N LEU A 114 -16.69 -5.80 -3.57
CA LEU A 114 -17.74 -5.87 -2.57
C LEU A 114 -18.25 -4.49 -2.24
N PHE A 115 -17.30 -3.58 -2.03
CA PHE A 115 -17.59 -2.18 -1.75
C PHE A 115 -18.42 -1.54 -2.86
N LYS A 116 -17.98 -1.71 -4.11
CA LYS A 116 -18.68 -1.22 -5.29
C LYS A 116 -20.12 -1.76 -5.35
N LYS A 117 -20.29 -3.02 -4.96
CA LYS A 117 -21.61 -3.67 -4.94
C LYS A 117 -22.50 -2.88 -3.97
N ALA A 118 -21.99 -2.67 -2.76
CA ALA A 118 -22.70 -1.96 -1.71
C ALA A 118 -22.95 -0.51 -2.08
N PHE A 119 -22.01 0.07 -2.81
CA PHE A 119 -22.15 1.47 -3.22
C PHE A 119 -23.40 1.67 -4.06
N TYR A 120 -23.54 0.86 -5.12
CA TYR A 120 -24.72 0.93 -5.97
C TYR A 120 -26.02 0.77 -5.20
N LEU A 121 -26.05 -0.18 -4.24
CA LEU A 121 -27.24 -0.39 -3.41
C LEU A 121 -27.62 0.89 -2.69
N ILE A 122 -26.61 1.52 -2.10
CA ILE A 122 -26.80 2.74 -1.33
C ILE A 122 -27.18 3.92 -2.24
N LYS A 123 -26.39 4.16 -3.29
CA LYS A 123 -26.68 5.22 -4.28
C LYS A 123 -28.07 5.10 -4.86
N ASN A 124 -28.48 3.86 -5.14
CA ASN A 124 -29.82 3.55 -5.65
C ASN A 124 -30.91 3.51 -4.57
N LYS A 125 -30.52 3.84 -3.33
CA LYS A 125 -31.40 3.83 -2.16
C LYS A 125 -31.98 2.45 -1.82
N GLU A 126 -31.45 1.41 -2.47
CA GLU A 126 -31.89 0.05 -2.23
C GLU A 126 -31.60 -0.41 -0.80
N HIS A 127 -30.76 0.34 -0.11
CA HIS A 127 -30.37 0.03 1.26
C HIS A 127 -31.40 0.46 2.31
N LEU A 128 -32.32 1.36 1.96
CA LEU A 128 -33.32 1.88 2.90
C LEU A 128 -34.40 0.83 3.18
N THR A 129 -34.03 -0.42 2.97
CA THR A 129 -34.95 -1.54 2.86
C THR A 129 -34.36 -2.73 3.62
N GLU A 130 -35.21 -3.49 4.29
CA GLU A 130 -34.80 -4.72 4.98
C GLU A 130 -33.97 -5.61 4.06
N GLU A 131 -34.50 -5.91 2.88
CA GLU A 131 -33.82 -6.72 1.87
C GLU A 131 -32.42 -6.16 1.56
N GLY A 132 -32.37 -4.86 1.25
CA GLY A 132 -31.10 -4.17 0.95
C GLY A 132 -30.12 -4.25 2.11
N LEU A 133 -30.57 -3.83 3.28
CA LEU A 133 -29.80 -3.88 4.53
C LEU A 133 -29.13 -5.23 4.74
N ASN A 134 -29.92 -6.30 4.62
CA ASN A 134 -29.40 -7.65 4.72
C ASN A 134 -28.36 -7.94 3.65
N GLN A 135 -28.66 -7.58 2.41
CA GLN A 135 -27.74 -7.81 1.29
C GLN A 135 -26.42 -7.08 1.52
N ILE A 136 -26.50 -5.91 2.13
CA ILE A 136 -25.31 -5.11 2.45
C ILE A 136 -24.44 -5.72 3.53
N LEU A 137 -25.04 -6.48 4.44
CA LEU A 137 -24.31 -7.14 5.51
C LEU A 137 -23.52 -8.32 5.03
N THR A 138 -24.07 -9.05 4.07
CA THR A 138 -23.36 -10.15 3.43
C THR A 138 -22.05 -9.64 2.90
N LEU A 139 -22.10 -8.43 2.33
CA LEU A 139 -20.93 -7.77 1.75
C LEU A 139 -19.95 -7.34 2.84
N LYS A 140 -20.48 -6.66 3.86
CA LYS A 140 -19.67 -6.25 5.01
C LYS A 140 -19.01 -7.46 5.69
N ALA A 141 -19.72 -8.59 5.72
CA ALA A 141 -19.22 -9.82 6.34
C ALA A 141 -17.95 -10.32 5.67
N SER A 142 -17.83 -10.03 4.36
CA SER A 142 -16.69 -10.48 3.55
C SER A 142 -15.69 -9.37 3.29
N LEU A 143 -16.01 -8.15 3.71
CA LEU A 143 -15.11 -7.01 3.51
C LEU A 143 -13.82 -7.23 4.32
N ASN A 144 -13.17 -6.18 4.79
CA ASN A 144 -11.85 -6.34 5.41
C ASN A 144 -11.84 -7.30 6.62
N LEU A 145 -12.09 -6.78 7.81
CA LEU A 145 -12.11 -7.61 9.02
C LEU A 145 -13.42 -8.38 9.28
N GLY A 146 -14.42 -8.25 8.41
CA GLY A 146 -15.69 -8.98 8.57
C GLY A 146 -16.64 -8.38 9.60
N LEU A 147 -17.69 -9.13 9.98
CA LEU A 147 -18.62 -8.67 11.01
C LEU A 147 -18.08 -8.85 12.43
N SER A 148 -18.21 -7.80 13.24
CA SER A 148 -17.88 -7.86 14.66
C SER A 148 -18.85 -8.76 15.41
N GLU A 149 -18.51 -9.06 16.66
CA GLU A 149 -19.29 -9.97 17.51
C GLU A 149 -20.72 -9.46 17.72
N GLU A 150 -20.85 -8.14 17.88
CA GLU A 150 -22.15 -7.50 18.05
C GLU A 150 -22.99 -7.44 16.77
N LEU A 151 -22.35 -7.22 15.63
CA LEU A 151 -23.07 -7.23 14.37
C LEU A 151 -23.51 -8.65 14.01
N LYS A 152 -22.69 -9.63 14.38
CA LYS A 152 -23.04 -11.02 14.21
C LYS A 152 -24.27 -11.36 15.05
N GLU A 153 -24.36 -10.73 16.22
CA GLU A 153 -25.51 -10.92 17.08
C GLU A 153 -26.75 -10.24 16.48
N ALA A 154 -26.60 -8.98 16.08
CA ALA A 154 -27.70 -8.19 15.48
C ALA A 154 -28.24 -8.77 14.17
N PHE A 155 -27.37 -9.46 13.42
CA PHE A 155 -27.79 -10.19 12.24
C PHE A 155 -27.29 -11.65 12.35
N PRO A 156 -28.03 -12.50 13.09
CA PRO A 156 -27.58 -13.86 13.31
C PRO A 156 -27.46 -14.66 12.01
N ASN A 157 -26.37 -15.44 11.92
CA ASN A 157 -26.12 -16.35 10.80
C ASN A 157 -26.40 -15.77 9.40
N THR A 158 -25.78 -14.62 9.14
CA THR A 158 -25.85 -13.97 7.84
C THR A 158 -24.66 -14.45 7.01
N ILE A 159 -24.96 -15.03 5.84
CA ILE A 159 -23.94 -15.64 5.00
C ILE A 159 -23.03 -14.57 4.38
N PRO A 160 -21.70 -14.70 4.55
CA PRO A 160 -20.80 -13.77 3.87
C PRO A 160 -20.93 -13.88 2.36
N ALA A 161 -20.97 -12.73 1.68
CA ALA A 161 -21.05 -12.71 0.21
C ALA A 161 -19.83 -13.42 -0.33
N GLU A 162 -19.91 -13.92 -1.55
CA GLU A 162 -18.77 -14.61 -2.11
C GLU A 162 -17.67 -13.61 -2.40
N ARG A 163 -16.46 -13.96 -2.00
CA ARG A 163 -15.32 -13.08 -2.15
C ARG A 163 -14.52 -13.56 -3.34
N LEU A 164 -14.27 -12.68 -4.30
CA LEU A 164 -13.45 -13.04 -5.45
C LEU A 164 -12.05 -13.38 -4.98
N LEU A 165 -11.56 -14.56 -5.34
CA LEU A 165 -10.14 -14.85 -5.14
C LEU A 165 -9.37 -14.33 -6.35
N VAL A 166 -8.66 -13.23 -6.15
CA VAL A 166 -7.97 -12.50 -7.21
C VAL A 166 -6.72 -13.26 -7.63
N THR A 167 -6.72 -13.75 -8.88
CA THR A 167 -5.66 -14.62 -9.37
C THR A 167 -5.17 -14.21 -10.76
N GLY A 168 -3.97 -14.68 -11.12
CA GLY A 168 -3.37 -14.48 -12.44
C GLY A 168 -3.32 -13.04 -12.91
N GLN A 169 -2.87 -12.15 -12.03
CA GLN A 169 -2.84 -10.72 -12.32
C GLN A 169 -1.51 -10.31 -12.95
N GLU A 170 -1.57 -9.54 -14.04
CA GLU A 170 -0.36 -9.02 -14.65
C GLU A 170 -0.17 -7.55 -14.26
N ILE A 171 1.07 -7.17 -13.93
CA ILE A 171 1.41 -5.78 -13.62
C ILE A 171 0.99 -4.92 -14.81
N PRO A 172 0.03 -4.01 -14.60
CA PRO A 172 -0.57 -3.27 -15.71
C PRO A 172 0.30 -2.12 -16.23
N ASP A 173 1.19 -1.62 -15.38
CA ASP A 173 2.00 -0.44 -15.66
C ASP A 173 3.12 -0.35 -14.63
N SER A 174 4.28 0.12 -15.08
CA SER A 174 5.48 0.17 -14.25
C SER A 174 5.28 1.10 -13.06
N ASN A 175 4.48 2.16 -13.26
CA ASN A 175 4.14 3.07 -12.19
C ASN A 175 3.29 2.44 -11.10
N TRP A 176 2.58 1.35 -11.44
CA TRP A 176 1.90 0.59 -10.40
C TRP A 176 2.90 0.10 -9.36
N VAL A 177 4.06 -0.34 -9.83
CA VAL A 177 5.12 -0.82 -8.96
C VAL A 177 5.68 0.33 -8.11
N ALA A 178 5.88 1.49 -8.72
CA ALA A 178 6.42 2.63 -8.00
C ALA A 178 5.44 3.06 -6.90
N GLY A 179 4.14 2.96 -7.21
CA GLY A 179 3.10 3.32 -6.27
C GLY A 179 3.09 2.35 -5.12
N PHE A 180 3.09 1.06 -5.45
CA PHE A 180 3.02 0.00 -4.47
C PHE A 180 4.24 -0.04 -3.54
N THR A 181 5.42 0.24 -4.10
CA THR A 181 6.65 0.20 -3.30
C THR A 181 6.83 1.48 -2.51
N ALA A 182 6.16 2.55 -2.94
CA ALA A 182 6.07 3.78 -2.13
C ALA A 182 5.42 3.45 -0.80
N GLY A 183 4.45 2.54 -0.84
CA GLY A 183 3.76 2.06 0.36
C GLY A 183 4.53 0.95 1.05
N GLU A 184 4.57 -0.22 0.42
CA GLU A 184 5.09 -1.43 1.06
C GLU A 184 6.60 -1.67 0.90
N GLY A 185 7.27 -0.80 0.16
CA GLY A 185 8.70 -0.98 -0.13
C GLY A 185 9.65 -0.40 0.91
N SER A 186 10.89 -0.88 0.90
CA SER A 186 11.95 -0.35 1.77
C SER A 186 13.32 -0.43 1.14
N PHE A 187 14.05 0.68 1.23
CA PHE A 187 15.42 0.77 0.73
C PHE A 187 16.33 0.98 1.93
N TYR A 188 17.03 -0.08 2.33
CA TYR A 188 17.93 0.05 3.46
C TYR A 188 19.33 -0.51 3.24
N ILE A 189 20.22 -0.10 4.13
CA ILE A 189 21.59 -0.56 4.14
C ILE A 189 21.76 -1.42 5.38
N ARG A 190 22.29 -2.61 5.16
CA ARG A 190 22.48 -3.60 6.20
C ARG A 190 23.96 -3.64 6.54
N ILE A 191 24.28 -3.32 7.79
CA ILE A 191 25.64 -3.45 8.31
C ILE A 191 25.66 -4.67 9.23
N ALA A 192 26.54 -5.62 8.95
CA ALA A 192 26.61 -6.84 9.73
C ALA A 192 27.94 -6.92 10.47
N LYS A 193 27.89 -7.23 11.77
CA LYS A 193 29.11 -7.45 12.52
C LYS A 193 29.71 -8.79 12.09
N ASN A 194 30.87 -8.72 11.44
CA ASN A 194 31.53 -9.88 10.87
C ASN A 194 33.05 -9.75 11.00
N SER A 195 33.67 -10.74 11.64
CA SER A 195 35.12 -10.75 11.90
C SER A 195 35.97 -10.84 10.64
N THR A 196 35.43 -11.53 9.63
CA THR A 196 36.18 -11.91 8.44
C THR A 196 36.32 -10.76 7.43
N LEU A 197 35.75 -9.61 7.77
CA LEU A 197 35.97 -8.39 6.97
C LEU A 197 36.95 -7.48 7.67
N LYS A 198 37.91 -6.95 6.91
CA LYS A 198 38.98 -6.11 7.45
C LYS A 198 38.44 -4.95 8.28
N THR A 199 37.30 -4.41 7.87
CA THR A 199 36.64 -3.34 8.62
C THR A 199 35.92 -3.87 9.86
N GLY A 200 35.66 -5.17 9.89
CA GLY A 200 34.93 -5.79 10.99
C GLY A 200 33.42 -5.78 10.77
N TYR A 201 33.00 -5.33 9.58
CA TYR A 201 31.59 -5.23 9.22
C TYR A 201 31.37 -5.54 7.75
N GLN A 202 30.20 -6.13 7.46
CA GLN A 202 29.76 -6.30 6.09
C GLN A 202 28.77 -5.20 5.71
N VAL A 203 28.92 -4.65 4.51
CA VAL A 203 28.00 -3.64 4.04
C VAL A 203 27.22 -4.16 2.84
N GLN A 204 25.90 -4.00 2.90
CA GLN A 204 24.98 -4.47 1.87
C GLN A 204 23.87 -3.46 1.58
N SER A 205 23.50 -3.33 0.31
CA SER A 205 22.30 -2.61 -0.08
C SER A 205 21.14 -3.60 -0.30
N VAL A 206 20.04 -3.36 0.40
CA VAL A 206 18.87 -4.25 0.31
C VAL A 206 17.68 -3.44 -0.19
N PHE A 207 16.92 -4.06 -1.09
CA PHE A 207 15.63 -3.55 -1.52
C PHE A 207 14.57 -4.59 -1.20
N GLN A 208 13.44 -4.12 -0.69
CA GLN A 208 12.45 -4.97 -0.08
C GLN A 208 11.03 -4.49 -0.40
N ILE A 209 10.13 -5.43 -0.69
CA ILE A 209 8.69 -5.18 -0.65
C ILE A 209 8.06 -6.25 0.24
N THR A 210 7.08 -5.83 1.06
CA THR A 210 6.42 -6.72 2.00
C THR A 210 4.91 -6.76 1.77
N GLN A 211 4.31 -7.94 1.94
CA GLN A 211 2.88 -8.11 1.73
C GLN A 211 2.41 -9.44 2.34
N ASP A 212 1.18 -9.44 2.89
CA ASP A 212 0.60 -10.64 3.47
C ASP A 212 0.66 -11.80 2.49
N THR A 213 0.76 -13.02 3.01
CA THR A 213 0.96 -14.22 2.19
C THR A 213 -0.15 -14.45 1.16
N ARG A 214 -1.30 -13.82 1.36
CA ARG A 214 -2.41 -14.02 0.45
C ARG A 214 -2.10 -13.51 -0.98
N ASP A 215 -1.09 -12.66 -1.10
CA ASP A 215 -0.64 -12.15 -2.41
C ASP A 215 0.78 -12.62 -2.76
N ILE A 216 1.16 -13.78 -2.25
CA ILE A 216 2.46 -14.37 -2.61
C ILE A 216 2.57 -14.59 -4.10
N GLU A 217 1.45 -14.93 -4.75
CA GLU A 217 1.38 -15.06 -6.21
C GLU A 217 1.86 -13.77 -6.85
N LEU A 218 1.31 -12.65 -6.38
CA LEU A 218 1.66 -11.33 -6.88
C LEU A 218 3.13 -11.02 -6.67
N MET A 219 3.64 -11.36 -5.50
CA MET A 219 5.04 -11.14 -5.19
C MET A 219 5.95 -11.94 -6.12
N LYS A 220 5.56 -13.19 -6.38
CA LYS A 220 6.34 -14.09 -7.19
C LYS A 220 6.58 -13.59 -8.62
N ASN A 221 5.63 -12.82 -9.16
CA ASN A 221 5.81 -12.31 -10.52
C ASN A 221 6.12 -10.81 -10.60
N LEU A 222 6.17 -10.14 -9.45
CA LEU A 222 6.90 -8.87 -9.35
C LEU A 222 8.37 -9.15 -9.59
N ILE A 223 8.84 -10.26 -9.04
CA ILE A 223 10.18 -10.77 -9.27
C ILE A 223 10.42 -11.01 -10.77
N SER A 224 9.47 -11.69 -11.43
CA SER A 224 9.52 -11.91 -12.87
C SER A 224 9.49 -10.57 -13.59
N TYR A 225 8.67 -9.66 -13.09
CA TYR A 225 8.54 -8.34 -13.68
C TYR A 225 9.86 -7.55 -13.63
N LEU A 226 10.56 -7.65 -12.51
CA LEU A 226 11.78 -6.87 -12.27
C LEU A 226 13.03 -7.65 -12.68
N ASN A 227 12.84 -8.95 -12.94
CA ASN A 227 13.91 -9.90 -13.27
C ASN A 227 15.00 -9.96 -12.19
N CYS A 228 14.58 -9.95 -10.92
CA CYS A 228 15.48 -10.09 -9.78
C CYS A 228 14.75 -10.20 -8.45
N GLY A 229 15.47 -10.63 -7.42
CA GLY A 229 14.92 -10.74 -6.09
C GLY A 229 14.54 -12.16 -5.72
N ASN A 230 14.44 -12.39 -4.41
CA ASN A 230 14.07 -13.67 -3.81
C ASN A 230 12.84 -13.54 -2.92
N ILE A 231 12.08 -14.62 -2.83
CA ILE A 231 10.96 -14.70 -1.89
C ILE A 231 11.52 -15.09 -0.54
N ARG A 232 11.02 -14.42 0.49
CA ARG A 232 11.36 -14.73 1.87
C ARG A 232 10.06 -14.81 2.64
N ILE A 233 9.75 -16.00 3.16
CA ILE A 233 8.56 -16.18 4.00
C ILE A 233 8.97 -16.12 5.47
N ARG A 234 8.41 -15.16 6.20
CA ARG A 234 8.64 -15.08 7.63
C ARG A 234 7.32 -15.31 8.35
N LYS A 235 7.37 -16.24 9.29
CA LYS A 235 6.21 -16.65 10.07
C LYS A 235 5.93 -15.67 11.20
N THR A 245 1.19 -15.67 7.91
CA THR A 245 2.57 -15.26 7.73
C THR A 245 2.72 -14.11 6.72
N CYS A 246 3.94 -13.60 6.59
CA CYS A 246 4.27 -12.55 5.60
C CYS A 246 5.25 -13.03 4.53
N VAL A 247 5.26 -12.32 3.41
CA VAL A 247 6.22 -12.57 2.34
C VAL A 247 6.99 -11.28 2.06
N ASP A 248 8.32 -11.39 2.01
CA ASP A 248 9.17 -10.31 1.54
C ASP A 248 9.74 -10.67 0.17
N LEU A 249 9.72 -9.69 -0.73
CA LEU A 249 10.52 -9.75 -1.94
C LEU A 249 11.81 -9.02 -1.59
N VAL A 250 12.92 -9.74 -1.62
CA VAL A 250 14.22 -9.21 -1.21
C VAL A 250 15.24 -9.28 -2.36
N VAL A 251 15.77 -8.12 -2.76
CA VAL A 251 16.91 -8.07 -3.67
C VAL A 251 18.16 -7.69 -2.88
N THR A 252 19.14 -8.57 -2.90
CA THR A 252 20.41 -8.35 -2.20
C THR A 252 21.58 -8.26 -3.18
N ASN A 253 21.45 -8.98 -4.29
CA ASN A 253 22.46 -8.98 -5.34
C ASN A 253 22.77 -7.57 -5.82
N LEU A 254 24.03 -7.16 -5.65
CA LEU A 254 24.44 -5.79 -5.93
C LEU A 254 24.27 -5.40 -7.40
N ASN A 255 24.52 -6.34 -8.30
CA ASN A 255 24.40 -6.05 -9.70
C ASN A 255 22.96 -5.81 -10.10
N ASP A 256 22.04 -6.60 -9.55
CA ASP A 256 20.62 -6.42 -9.80
C ASP A 256 20.15 -5.06 -9.31
N ILE A 257 20.64 -4.64 -8.14
CA ILE A 257 20.36 -3.31 -7.63
C ILE A 257 20.90 -2.22 -8.57
N LYS A 258 22.11 -2.41 -9.07
CA LYS A 258 22.75 -1.45 -9.94
C LYS A 258 22.07 -1.33 -11.32
N GLU A 259 21.69 -2.46 -11.89
CA GLU A 259 21.25 -2.52 -13.30
C GLU A 259 19.73 -2.54 -13.48
N LYS A 260 19.01 -2.91 -12.43
CA LYS A 260 17.58 -3.15 -12.52
C LYS A 260 16.79 -2.22 -11.62
N ILE A 261 17.02 -2.33 -10.31
CA ILE A 261 16.27 -1.59 -9.29
C ILE A 261 16.42 -0.08 -9.42
N ILE A 262 17.66 0.40 -9.36
CA ILE A 262 17.92 1.83 -9.46
C ILE A 262 17.38 2.45 -10.77
N PRO A 263 17.74 1.88 -11.96
CA PRO A 263 17.21 2.47 -13.19
C PRO A 263 15.69 2.42 -13.27
N PHE A 264 15.08 1.40 -12.68
CA PHE A 264 13.62 1.33 -12.62
C PHE A 264 13.05 2.52 -11.83
N PHE A 265 13.51 2.69 -10.61
CA PHE A 265 12.97 3.74 -9.78
C PHE A 265 13.47 5.13 -10.17
N ASN A 266 14.59 5.17 -10.88
CA ASN A 266 15.00 6.39 -11.55
C ASN A 266 14.02 6.80 -12.64
N LYS A 267 13.37 5.83 -13.27
CA LYS A 267 12.33 6.12 -14.24
C LYS A 267 10.94 6.21 -13.59
N ASN A 268 10.64 5.28 -12.70
CA ASN A 268 9.35 5.25 -12.02
C ASN A 268 9.49 5.75 -10.59
N HIS A 269 9.17 7.02 -10.40
CA HIS A 269 9.49 7.77 -9.18
C HIS A 269 8.70 7.33 -7.95
N ILE A 270 9.41 7.10 -6.85
CA ILE A 270 8.83 6.95 -5.53
C ILE A 270 8.27 8.29 -5.07
N ILE A 271 7.15 8.27 -4.36
CA ILE A 271 6.54 9.47 -3.79
C ILE A 271 6.59 9.46 -2.27
N GLY A 272 6.52 10.65 -1.67
CA GLY A 272 6.60 10.80 -0.21
C GLY A 272 8.02 10.98 0.29
N VAL A 273 8.19 10.81 1.59
CA VAL A 273 9.48 10.99 2.25
C VAL A 273 10.46 9.88 1.88
N LYS A 274 9.92 8.70 1.57
CA LYS A 274 10.70 7.58 1.09
C LYS A 274 11.61 7.95 -0.10
N LEU A 275 11.23 8.97 -0.86
CA LEU A 275 12.05 9.45 -1.96
C LEU A 275 13.45 9.79 -1.46
N GLN A 276 13.53 10.47 -0.31
CA GLN A 276 14.81 10.88 0.26
C GLN A 276 15.62 9.71 0.81
N ASP A 277 14.92 8.71 1.37
CA ASP A 277 15.57 7.46 1.76
C ASP A 277 16.11 6.75 0.51
N TYR A 278 15.34 6.75 -0.56
CA TYR A 278 15.78 6.23 -1.84
C TYR A 278 17.05 6.92 -2.36
N ARG A 279 17.07 8.25 -2.32
CA ARG A 279 18.24 9.01 -2.76
C ARG A 279 19.50 8.68 -1.97
N ASP A 280 19.40 8.77 -0.64
CA ASP A 280 20.49 8.39 0.26
C ASP A 280 21.00 6.98 -0.05
N TRP A 281 20.07 6.01 -0.05
CA TRP A 281 20.33 4.61 -0.43
C TRP A 281 21.07 4.51 -1.76
N CYS A 282 20.55 5.21 -2.77
CA CYS A 282 21.16 5.22 -4.09
C CYS A 282 22.57 5.76 -4.02
N LYS A 283 22.77 6.81 -3.22
CA LYS A 283 24.11 7.37 -3.01
C LYS A 283 25.05 6.35 -2.35
N VAL A 284 24.51 5.55 -1.43
CA VAL A 284 25.29 4.52 -0.74
C VAL A 284 25.66 3.37 -1.67
N VAL A 285 24.81 3.08 -2.66
CA VAL A 285 25.14 2.04 -3.63
C VAL A 285 26.41 2.40 -4.40
N THR A 286 26.54 3.68 -4.80
CA THR A 286 27.75 4.17 -5.46
C THR A 286 29.01 3.87 -4.62
N LEU A 287 28.93 4.17 -3.32
CA LEU A 287 30.03 3.95 -2.40
C LEU A 287 30.43 2.50 -2.33
N ILE A 288 29.43 1.61 -2.20
CA ILE A 288 29.66 0.18 -2.23
C ILE A 288 30.28 -0.25 -3.57
N ASP A 289 29.75 0.34 -4.65
CA ASP A 289 30.21 0.08 -6.00
C ASP A 289 31.67 0.47 -6.16
N ASN A 290 32.06 1.58 -5.56
CA ASN A 290 33.46 2.02 -5.58
C ASN A 290 34.30 1.37 -4.49
N LYS A 291 33.66 0.48 -3.72
CA LYS A 291 34.33 -0.33 -2.69
C LYS A 291 34.83 0.45 -1.47
N GLU A 292 34.21 1.60 -1.22
CA GLU A 292 34.57 2.43 -0.07
C GLU A 292 34.10 1.78 1.23
N HIS A 293 33.25 0.77 1.11
CA HIS A 293 32.76 0.02 2.26
C HIS A 293 33.78 -0.99 2.79
N LEU A 294 34.92 -1.10 2.11
CA LEU A 294 35.98 -2.00 2.54
C LEU A 294 37.08 -1.23 3.26
N THR A 295 36.93 0.09 3.30
CA THR A 295 37.84 0.97 4.02
C THR A 295 37.09 1.60 5.19
N SER A 296 37.81 1.88 6.27
CA SER A 296 37.21 2.47 7.48
C SER A 296 36.52 3.80 7.23
N GLU A 297 37.16 4.69 6.46
CA GLU A 297 36.56 5.98 6.13
C GLU A 297 35.24 5.80 5.38
N GLY A 298 35.20 4.82 4.49
CA GLY A 298 34.00 4.50 3.73
C GLY A 298 32.87 4.04 4.63
N LEU A 299 33.18 3.07 5.49
CA LEU A 299 32.21 2.54 6.44
C LEU A 299 31.64 3.63 7.38
N GLU A 300 32.52 4.48 7.92
CA GLU A 300 32.10 5.61 8.76
C GLU A 300 31.16 6.54 7.99
N LYS A 301 31.43 6.75 6.70
CA LYS A 301 30.66 7.66 5.87
C LYS A 301 29.26 7.12 5.65
N ILE A 302 29.21 5.83 5.30
CA ILE A 302 27.96 5.12 5.07
C ILE A 302 27.11 5.15 6.34
N GLN A 303 27.70 4.74 7.46
CA GLN A 303 27.00 4.75 8.75
C GLN A 303 26.34 6.09 9.08
N LYS A 304 26.97 7.18 8.65
CA LYS A 304 26.40 8.50 8.87
C LYS A 304 25.16 8.71 8.00
N ILE A 305 25.27 8.36 6.72
CA ILE A 305 24.15 8.47 5.78
C ILE A 305 23.01 7.60 6.27
N LYS A 306 23.33 6.35 6.61
CA LYS A 306 22.35 5.36 7.06
C LYS A 306 21.62 5.79 8.33
N GLU A 307 22.30 6.49 9.22
CA GLU A 307 21.69 6.88 10.49
C GLU A 307 20.75 8.08 10.36
N GLY A 308 20.85 8.78 9.23
CA GLY A 308 19.92 9.85 8.92
C GLY A 308 18.86 9.38 7.93
N MET A 309 18.88 8.09 7.65
CA MET A 309 18.00 7.53 6.66
C MET A 309 16.64 7.19 7.25
N ASN A 310 16.20 5.95 7.03
CA ASN A 310 14.82 5.54 7.28
C ASN A 310 14.24 5.92 8.63
N ARG A 311 14.44 5.08 9.63
CA ARG A 311 13.92 5.31 10.97
C ARG A 311 14.65 6.47 11.65
N GLY A 312 15.81 6.83 11.12
CA GLY A 312 16.65 7.87 11.72
C GLY A 312 16.52 9.26 11.12
N ARG A 313 15.57 9.45 10.21
CA ARG A 313 15.27 10.78 9.70
C ARG A 313 14.48 11.53 10.76
N SER A 314 14.02 12.76 10.47
CA SER A 314 13.22 13.53 11.44
C SER A 314 12.29 14.60 10.84
N LEU A 315 11.93 15.60 11.66
CA LEU A 315 11.13 16.75 11.25
C LEU A 315 12.00 17.78 10.52
#